data_8I5W
#
_entry.id   8I5W
#
_cell.length_a   60.280
_cell.length_b   106.860
_cell.length_c   187.110
_cell.angle_alpha   90.00
_cell.angle_beta   90.00
_cell.angle_gamma   90.00
#
_symmetry.space_group_name_H-M   'C 2 2 21'
#
loop_
_entity.id
_entity.type
_entity.pdbx_description
1 polymer 'Dedicator of cytokinesis protein 10'
2 polymer 'Ras-related C3 botulinum toxin substrate 1'
3 non-polymer 'SULFATE ION'
4 water water
#
loop_
_entity_poly.entity_id
_entity_poly.type
_entity_poly.pdbx_seq_one_letter_code
_entity_poly.pdbx_strand_id
1 'polypeptide(L)'
;GSSGSSGRYYRVAFYGQGFFEEEEGKEYIYKEPKLTGLSEISQRLLKLYADKFGADNVKIIQDSNKVNPKDLDPKYAYIQ
VTYVTPFFEEKEIEDRKTDFEMHHNINRFVFETPFTLSGKKHGGVAEQCKRRTVLTTSHLFPYVKKRIQVISQSSTELNP
IEVAIDEMSRKVSELNQLCTTEEVDMIRLQLKLQGSVSVKVNAGPMAYARAFLEETNAKKYPDNQVKLLKEIFRQFADAC
GQALDVNERLIKEDQLEYQEELRSHYKDMLSELSAIMNEQIT
;
A
2 'polypeptide(L)'
;GSSGSSGMQAIKCVVVGDGAVGKTCLLISYTTNAFPGEYIPTVFDNYSANVMVDGKPVNLGLWDTAGQEDYDRLRPLSYP
QTDVFLICFSLVSPASFENVRAKWYPEVRHHCPNTPIILVGTKLDLRDDKDTIEKLKEKKLTPITYPQGLAMAKEIGAVK
YLECSALTQRGLKTVFDEAIRAVL
;
B
#
loop_
_chem_comp.id
_chem_comp.type
_chem_comp.name
_chem_comp.formula
SO4 non-polymer 'SULFATE ION' 'O4 S -2'
#
# COMPACT_ATOMS: atom_id res chain seq x y z
N GLY A 7 15.74 11.18 -7.36
CA GLY A 7 15.89 9.97 -6.58
C GLY A 7 14.76 9.76 -5.59
N ARG A 8 15.05 9.01 -4.53
CA ARG A 8 14.11 8.75 -3.45
C ARG A 8 14.71 9.24 -2.14
N TYR A 9 13.88 9.87 -1.32
CA TYR A 9 14.36 10.57 -0.14
C TYR A 9 13.86 9.88 1.12
N TYR A 10 14.72 9.78 2.12
CA TYR A 10 14.35 9.09 3.35
C TYR A 10 14.75 9.91 4.56
N ARG A 11 13.85 9.95 5.54
CA ARG A 11 14.14 10.55 6.83
C ARG A 11 14.84 9.50 7.68
N VAL A 12 16.00 9.85 8.20
CA VAL A 12 16.74 8.98 9.11
C VAL A 12 17.09 9.80 10.34
N ALA A 13 16.82 9.23 11.52
CA ALA A 13 17.09 9.89 12.79
C ALA A 13 17.80 8.92 13.72
N PHE A 14 18.78 9.42 14.46
CA PHE A 14 19.64 8.57 15.27
C PHE A 14 19.44 8.86 16.75
N TYR A 15 19.29 7.80 17.53
CA TYR A 15 19.14 7.92 18.98
C TYR A 15 19.92 6.80 19.62
N GLY A 16 20.96 7.15 20.36
CA GLY A 16 21.82 6.16 20.98
C GLY A 16 22.93 6.80 21.77
N GLN A 17 22.63 7.12 23.04
CA GLN A 17 23.49 7.99 23.84
C GLN A 17 24.87 7.42 24.03
N GLY A 18 24.98 6.11 24.23
CA GLY A 18 26.27 5.48 24.39
C GLY A 18 26.82 4.91 23.10
N PHE A 19 26.32 5.41 21.97
CA PHE A 19 26.72 4.84 20.69
C PHE A 19 27.09 5.91 19.68
N PHE A 20 26.13 6.74 19.31
CA PHE A 20 26.41 7.79 18.34
C PHE A 20 27.25 8.90 18.98
N GLU A 21 27.86 9.70 18.12
CA GLU A 21 28.62 10.87 18.53
C GLU A 21 28.04 12.08 17.84
N GLU A 22 28.67 12.52 16.74
CA GLU A 22 28.16 13.66 15.99
C GLU A 22 26.71 13.44 15.58
N GLU A 23 26.33 12.21 15.21
CA GLU A 23 24.98 11.95 14.70
C GLU A 23 23.92 11.87 15.79
N GLU A 24 24.31 11.75 17.07
CA GLU A 24 23.36 11.53 18.14
C GLU A 24 22.36 12.68 18.24
N GLY A 25 21.09 12.34 18.31
CA GLY A 25 20.04 13.32 18.33
C GLY A 25 19.71 13.95 16.99
N LYS A 26 20.42 13.60 15.92
CA LYS A 26 20.25 14.31 14.66
C LYS A 26 19.29 13.57 13.72
N GLU A 27 18.84 14.30 12.71
CA GLU A 27 17.83 13.82 11.80
C GLU A 27 18.18 14.32 10.42
N TYR A 28 18.02 13.46 9.41
CA TYR A 28 18.51 13.77 8.09
C TYR A 28 17.52 13.31 7.05
N ILE A 29 17.63 13.92 5.87
CA ILE A 29 17.02 13.41 4.65
C ILE A 29 18.14 12.76 3.85
N TYR A 30 18.06 11.43 3.70
CA TYR A 30 18.97 10.70 2.83
C TYR A 30 18.37 10.66 1.42
N LYS A 31 19.23 10.88 0.42
CA LYS A 31 18.85 10.85 -0.99
C LYS A 31 19.39 9.56 -1.61
N GLU A 32 18.48 8.68 -1.98
CA GLU A 32 18.75 7.34 -2.47
C GLU A 32 18.56 7.28 -3.99
N PRO A 33 19.11 6.25 -4.64
CA PRO A 33 18.93 6.14 -6.09
C PRO A 33 17.47 5.91 -6.48
N LYS A 34 17.16 6.23 -7.73
CA LYS A 34 15.79 6.17 -8.25
C LYS A 34 15.11 4.86 -7.86
N LEU A 35 13.86 4.99 -7.40
CA LEU A 35 12.98 3.88 -7.04
C LEU A 35 13.58 2.94 -5.98
N THR A 36 14.58 3.38 -5.21
CA THR A 36 15.05 2.63 -4.04
C THR A 36 13.91 2.44 -3.05
N GLY A 37 13.77 1.22 -2.52
CA GLY A 37 12.73 0.90 -1.57
C GLY A 37 13.21 0.96 -0.11
N LEU A 38 12.22 0.96 0.79
CA LEU A 38 12.47 1.16 2.21
C LEU A 38 13.34 0.06 2.80
N SER A 39 13.22 -1.16 2.30
CA SER A 39 13.98 -2.27 2.85
C SER A 39 15.44 -2.20 2.42
N GLU A 40 15.73 -1.51 1.32
CA GLU A 40 17.10 -1.45 0.82
C GLU A 40 17.93 -0.44 1.61
N ILE A 41 17.33 0.67 2.02
CA ILE A 41 18.08 1.62 2.82
C ILE A 41 18.10 1.20 4.29
N SER A 42 17.01 0.61 4.79
CA SER A 42 16.95 0.15 6.18
C SER A 42 18.01 -0.90 6.44
N GLN A 43 18.14 -1.86 5.52
CA GLN A 43 19.13 -2.92 5.69
C GLN A 43 20.55 -2.39 5.61
N ARG A 44 20.83 -1.50 4.67
CA ARG A 44 22.16 -0.89 4.57
C ARG A 44 22.53 -0.17 5.87
N LEU A 45 21.71 0.81 6.25
CA LEU A 45 21.90 1.51 7.52
C LEU A 45 22.07 0.53 8.67
N LEU A 46 21.17 -0.46 8.75
CA LEU A 46 21.27 -1.48 9.78
C LEU A 46 22.64 -2.13 9.75
N LYS A 47 23.07 -2.58 8.56
CA LYS A 47 24.40 -3.16 8.41
C LYS A 47 25.49 -2.16 8.78
N LEU A 48 25.44 -0.96 8.17
CA LEU A 48 26.52 0.01 8.34
C LEU A 48 26.77 0.33 9.80
N TYR A 49 25.71 0.51 10.59
CA TYR A 49 25.90 0.80 12.00
C TYR A 49 26.01 -0.46 12.86
N ALA A 50 25.46 -1.59 12.41
CA ALA A 50 25.77 -2.85 13.09
C ALA A 50 27.27 -3.14 13.04
N ASP A 51 27.97 -2.65 12.03
CA ASP A 51 29.42 -2.81 11.98
C ASP A 51 30.15 -1.93 12.99
N LYS A 52 29.57 -0.80 13.40
CA LYS A 52 30.23 0.05 14.37
C LYS A 52 29.91 -0.34 15.80
N PHE A 53 28.69 -0.82 16.05
CA PHE A 53 28.24 -1.05 17.40
C PHE A 53 27.97 -2.52 17.71
N GLY A 54 27.97 -3.39 16.71
CA GLY A 54 27.60 -4.79 16.88
C GLY A 54 26.14 -5.03 16.52
N ALA A 55 25.86 -6.09 15.75
CA ALA A 55 24.52 -6.27 15.20
C ALA A 55 23.46 -6.44 16.28
N ASP A 56 23.82 -7.05 17.41
CA ASP A 56 22.88 -7.25 18.49
C ASP A 56 22.47 -5.94 19.18
N ASN A 57 23.15 -4.83 18.90
CA ASN A 57 22.94 -3.59 19.64
C ASN A 57 22.27 -2.52 18.80
N VAL A 58 21.82 -2.84 17.58
CA VAL A 58 21.27 -1.86 16.65
C VAL A 58 19.84 -2.28 16.30
N LYS A 59 18.91 -1.33 16.38
CA LYS A 59 17.49 -1.57 16.15
C LYS A 59 16.93 -0.48 15.26
N ILE A 60 15.97 -0.86 14.40
CA ILE A 60 15.24 0.09 13.58
C ILE A 60 14.03 0.56 14.37
N ILE A 61 13.69 1.84 14.23
CA ILE A 61 12.45 2.39 14.75
C ILE A 61 11.51 2.57 13.57
N GLN A 62 10.46 1.75 13.51
CA GLN A 62 9.53 1.84 12.39
C GLN A 62 8.50 2.93 12.60
N ASP A 63 8.12 3.19 13.85
CA ASP A 63 7.13 4.23 14.13
C ASP A 63 7.64 5.57 13.58
N SER A 64 6.76 6.29 12.90
CA SER A 64 7.14 7.52 12.21
C SER A 64 6.74 8.76 12.99
N ASN A 65 6.03 8.59 14.11
CA ASN A 65 5.84 9.66 15.06
C ASN A 65 7.17 10.11 15.64
N LYS A 66 7.25 11.37 16.07
CA LYS A 66 8.46 11.88 16.69
C LYS A 66 8.87 10.98 17.84
N VAL A 67 10.16 10.65 17.88
CA VAL A 67 10.67 9.74 18.90
C VAL A 67 10.71 10.46 20.25
N ASN A 68 10.24 9.77 21.29
CA ASN A 68 10.45 10.21 22.66
C ASN A 68 11.53 9.34 23.29
N PRO A 69 12.75 9.88 23.52
CA PRO A 69 13.88 9.05 23.99
C PRO A 69 13.61 8.24 25.24
N LYS A 70 12.65 8.67 26.07
CA LYS A 70 12.29 7.90 27.26
C LYS A 70 11.80 6.50 26.89
N ASP A 71 11.38 6.27 25.65
CA ASP A 71 10.89 4.97 25.26
C ASP A 71 12.00 3.99 24.88
N LEU A 72 13.25 4.43 24.77
CA LEU A 72 14.30 3.64 24.15
C LEU A 72 15.19 2.98 25.20
N ASP A 73 15.51 1.72 24.98
CA ASP A 73 16.45 1.04 25.88
C ASP A 73 17.84 1.64 25.70
N PRO A 74 18.47 2.14 26.76
CA PRO A 74 19.85 2.66 26.62
C PRO A 74 20.87 1.61 26.19
N LYS A 75 20.54 0.32 26.24
CA LYS A 75 21.39 -0.77 25.73
C LYS A 75 21.38 -0.89 24.21
N TYR A 76 20.64 -0.05 23.49
CA TYR A 76 20.61 -0.14 22.04
C TYR A 76 20.77 1.22 21.39
N ALA A 77 21.50 1.25 20.29
CA ALA A 77 21.39 2.34 19.34
C ALA A 77 20.18 2.11 18.43
N TYR A 78 19.56 3.20 18.00
CA TYR A 78 18.33 3.15 17.24
C TYR A 78 18.46 4.05 16.03
N ILE A 79 17.88 3.59 14.92
CA ILE A 79 17.86 4.35 13.68
C ILE A 79 16.43 4.36 13.20
N GLN A 80 15.82 5.54 13.16
CA GLN A 80 14.48 5.70 12.64
C GLN A 80 14.55 6.00 11.16
N VAL A 81 13.79 5.26 10.36
CA VAL A 81 13.80 5.40 8.91
C VAL A 81 12.36 5.55 8.43
N THR A 82 12.11 6.52 7.56
CA THR A 82 10.75 6.78 7.09
C THR A 82 10.83 7.38 5.71
N TYR A 83 10.01 6.89 4.80
CA TYR A 83 10.02 7.41 3.44
C TYR A 83 9.32 8.76 3.38
N VAL A 84 9.92 9.71 2.63
CA VAL A 84 9.38 11.07 2.50
C VAL A 84 9.36 11.42 1.02
N THR A 85 8.55 12.43 0.67
CA THR A 85 8.54 12.90 -0.71
C THR A 85 8.76 14.41 -0.74
N PRO A 86 9.32 14.93 -1.83
CA PRO A 86 9.49 16.39 -1.95
C PRO A 86 8.17 17.12 -1.77
N PHE A 87 8.17 18.16 -0.94
CA PHE A 87 6.95 18.86 -0.57
C PHE A 87 6.94 20.26 -1.18
N PHE A 88 5.84 20.59 -1.86
CA PHE A 88 5.62 21.90 -2.43
C PHE A 88 4.20 22.34 -2.13
N GLU A 89 4.04 23.62 -1.81
CA GLU A 89 2.70 24.19 -1.71
C GLU A 89 2.24 24.65 -3.09
N GLU A 90 0.95 25.00 -3.17
CA GLU A 90 0.34 25.27 -4.47
C GLU A 90 0.97 26.47 -5.17
N LYS A 91 1.58 27.39 -4.40
CA LYS A 91 2.33 28.48 -5.01
C LYS A 91 3.63 27.99 -5.64
N GLU A 92 4.27 26.98 -5.04
CA GLU A 92 5.47 26.42 -5.62
C GLU A 92 5.16 25.54 -6.84
N ILE A 93 4.05 24.81 -6.81
CA ILE A 93 3.75 23.85 -7.86
C ILE A 93 3.43 24.51 -9.19
N GLU A 94 3.10 25.82 -9.18
CA GLU A 94 2.83 26.51 -10.43
C GLU A 94 4.12 27.02 -11.08
N ASP A 95 5.05 27.56 -10.29
CA ASP A 95 6.30 28.06 -10.85
C ASP A 95 7.19 26.93 -11.35
N ARG A 96 7.18 25.80 -10.65
CA ARG A 96 7.98 24.65 -11.04
C ARG A 96 7.32 23.95 -12.22
N LYS A 97 8.09 23.75 -13.29
CA LYS A 97 7.53 23.34 -14.58
C LYS A 97 7.78 21.86 -14.87
N THR A 98 9.03 21.47 -15.08
CA THR A 98 9.37 20.12 -15.47
C THR A 98 9.58 19.23 -14.24
N ASP A 99 9.71 17.92 -14.50
CA ASP A 99 10.09 16.99 -13.45
C ASP A 99 11.47 17.30 -12.90
N PHE A 100 12.36 17.80 -13.77
CA PHE A 100 13.66 18.29 -13.32
C PHE A 100 13.51 19.43 -12.32
N GLU A 101 12.42 20.19 -12.41
CA GLU A 101 12.19 21.29 -11.48
C GLU A 101 11.64 20.82 -10.14
N MET A 102 10.97 19.65 -10.12
CA MET A 102 10.60 19.02 -8.85
C MET A 102 11.79 18.28 -8.23
N HIS A 103 12.81 17.96 -9.01
CA HIS A 103 14.00 17.25 -8.54
C HIS A 103 15.14 18.19 -8.14
N HIS A 104 15.02 19.49 -8.38
CA HIS A 104 16.12 20.42 -8.21
C HIS A 104 15.76 21.50 -7.20
N ASN A 105 16.75 21.91 -6.41
CA ASN A 105 16.62 22.97 -5.41
C ASN A 105 15.44 22.71 -4.48
N ILE A 106 15.49 21.57 -3.79
CA ILE A 106 14.44 21.20 -2.85
C ILE A 106 15.05 21.00 -1.47
N ASN A 107 14.37 21.56 -0.46
CA ASN A 107 14.82 21.41 0.92
C ASN A 107 13.66 21.10 1.86
N ARG A 108 12.48 20.74 1.34
CA ARG A 108 11.34 20.39 2.18
C ARG A 108 10.78 19.04 1.74
N PHE A 109 10.30 18.26 2.71
CA PHE A 109 9.93 16.88 2.48
C PHE A 109 8.79 16.54 3.44
N VAL A 110 7.84 15.73 2.96
CA VAL A 110 6.62 15.44 3.72
C VAL A 110 6.45 13.94 3.89
N PHE A 111 5.93 13.55 5.05
CA PHE A 111 5.44 12.20 5.28
C PHE A 111 4.16 12.29 6.09
N GLU A 112 3.45 11.16 6.18
CA GLU A 112 2.17 11.09 6.84
C GLU A 112 2.19 10.00 7.91
N THR A 113 1.46 10.24 9.00
CA THR A 113 1.41 9.36 10.16
C THR A 113 -0.05 9.08 10.49
N PRO A 114 -0.44 7.83 10.74
CA PRO A 114 -1.82 7.55 11.15
C PRO A 114 -1.96 7.65 12.66
N PHE A 115 -3.11 8.17 13.11
CA PHE A 115 -3.34 8.29 14.54
C PHE A 115 -4.82 8.47 14.81
N THR A 116 -5.26 8.05 16.01
CA THR A 116 -6.59 8.35 16.48
C THR A 116 -6.52 9.01 17.86
N LEU A 117 -7.59 9.72 18.22
CA LEU A 117 -7.63 10.46 19.47
C LEU A 117 -7.86 9.57 20.68
N SER A 118 -8.04 8.27 20.50
CA SER A 118 -8.10 7.35 21.62
C SER A 118 -6.73 6.87 22.04
N GLY A 119 -5.71 7.09 21.20
CA GLY A 119 -4.39 6.56 21.41
C GLY A 119 -4.03 5.48 20.41
N LYS A 120 -5.01 4.70 19.96
CA LYS A 120 -4.78 3.75 18.90
C LYS A 120 -4.24 4.46 17.66
N LYS A 121 -3.35 3.76 16.94
CA LYS A 121 -2.83 4.32 15.71
C LYS A 121 -3.87 4.25 14.59
N HIS A 122 -4.73 3.23 14.59
CA HIS A 122 -5.57 2.94 13.44
C HIS A 122 -7.01 2.71 13.86
N GLY A 123 -7.94 3.27 13.10
CA GLY A 123 -9.32 2.95 13.37
C GLY A 123 -10.17 3.00 12.11
N GLY A 124 -11.46 2.73 12.29
CA GLY A 124 -12.38 2.92 11.18
C GLY A 124 -12.40 4.34 10.65
N VAL A 125 -13.20 4.57 9.61
CA VAL A 125 -13.14 5.87 8.93
C VAL A 125 -13.66 6.99 9.82
N ALA A 126 -14.66 6.70 10.68
CA ALA A 126 -15.19 7.73 11.58
C ALA A 126 -14.24 8.09 12.71
N GLU A 127 -13.15 7.33 12.93
CA GLU A 127 -12.23 7.58 14.03
C GLU A 127 -10.79 7.86 13.59
N GLN A 128 -10.46 7.60 12.33
CA GLN A 128 -9.10 7.65 11.81
C GLN A 128 -8.68 9.07 11.39
N CYS A 129 -7.59 9.55 11.97
CA CYS A 129 -6.97 10.83 11.63
C CYS A 129 -5.60 10.63 10.98
N LYS A 130 -5.01 11.73 10.53
CA LYS A 130 -3.79 11.70 9.75
C LYS A 130 -2.99 12.98 9.98
N ARG A 131 -1.71 12.84 10.36
CA ARG A 131 -0.77 13.94 10.49
C ARG A 131 0.04 14.05 9.21
N ARG A 132 0.32 15.30 8.80
CA ARG A 132 1.27 15.60 7.73
C ARG A 132 2.41 16.42 8.31
N THR A 133 3.61 15.83 8.34
CA THR A 133 4.81 16.46 8.86
C THR A 133 5.72 16.86 7.71
N VAL A 134 6.08 18.15 7.64
CA VAL A 134 6.98 18.68 6.64
C VAL A 134 8.32 19.00 7.29
N LEU A 135 9.37 18.31 6.85
CA LEU A 135 10.72 18.50 7.36
C LEU A 135 11.51 19.41 6.42
N THR A 136 12.38 20.22 7.01
CA THR A 136 13.15 21.19 6.24
C THR A 136 14.64 20.99 6.50
N THR A 137 15.41 20.92 5.43
CA THR A 137 16.84 20.68 5.56
C THR A 137 17.59 22.00 5.53
N SER A 138 18.83 21.95 6.02
CA SER A 138 19.67 23.15 6.11
C SER A 138 20.20 23.59 4.76
N HIS A 139 20.23 22.70 3.77
CA HIS A 139 20.69 23.01 2.42
C HIS A 139 19.74 22.43 1.38
N LEU A 140 19.73 23.07 0.21
CA LEU A 140 18.99 22.56 -0.94
C LEU A 140 19.67 21.34 -1.55
N PHE A 141 18.85 20.35 -1.94
CA PHE A 141 19.20 19.28 -2.85
C PHE A 141 19.06 19.78 -4.30
N PRO A 142 19.92 19.31 -5.22
CA PRO A 142 21.03 18.36 -5.04
C PRO A 142 22.20 18.98 -4.30
N TYR A 143 23.01 18.12 -3.70
CA TYR A 143 24.01 18.52 -2.73
C TYR A 143 25.20 17.60 -2.90
N VAL A 144 26.38 18.07 -2.45
CA VAL A 144 27.56 17.24 -2.53
C VAL A 144 27.40 16.01 -1.63
N LYS A 145 26.70 16.14 -0.52
CA LYS A 145 26.52 15.02 0.39
C LYS A 145 25.26 14.20 0.07
N LYS A 146 25.29 12.93 0.51
CA LYS A 146 24.17 12.01 0.39
C LYS A 146 23.01 12.39 1.31
N ARG A 147 23.28 13.14 2.37
CA ARG A 147 22.27 13.46 3.37
C ARG A 147 22.46 14.90 3.80
N ILE A 148 21.39 15.49 4.31
CA ILE A 148 21.38 16.86 4.79
C ILE A 148 20.56 16.89 6.07
N GLN A 149 21.11 17.51 7.12
CA GLN A 149 20.46 17.55 8.42
C GLN A 149 19.13 18.29 8.32
N VAL A 150 18.11 17.72 8.96
CA VAL A 150 16.83 18.42 9.14
C VAL A 150 17.00 19.42 10.28
N ILE A 151 16.61 20.67 10.04
CA ILE A 151 16.74 21.71 11.06
C ILE A 151 15.41 22.27 11.54
N SER A 152 14.29 21.88 10.96
CA SER A 152 12.99 22.25 11.50
C SER A 152 11.94 21.33 10.90
N GLN A 153 10.76 21.35 11.51
CA GLN A 153 9.65 20.54 11.06
C GLN A 153 8.35 21.31 11.28
N SER A 154 7.34 20.99 10.50
CA SER A 154 6.03 21.58 10.68
C SER A 154 4.98 20.51 10.41
N SER A 155 3.85 20.61 11.08
CA SER A 155 2.87 19.55 10.99
C SER A 155 1.47 20.14 11.01
N THR A 156 0.55 19.48 10.30
CA THR A 156 -0.88 19.68 10.38
C THR A 156 -1.54 18.32 10.50
N GLU A 157 -2.75 18.30 11.03
CA GLU A 157 -3.47 17.05 11.19
C GLU A 157 -4.84 17.14 10.54
N LEU A 158 -5.37 16.00 10.11
CA LEU A 158 -6.68 15.92 9.50
C LEU A 158 -7.58 15.08 10.38
N ASN A 159 -8.78 15.61 10.70
CA ASN A 159 -9.78 14.85 11.43
C ASN A 159 -10.47 13.88 10.47
N PRO A 160 -11.27 12.93 10.99
CA PRO A 160 -11.79 11.89 10.10
C PRO A 160 -12.54 12.43 8.88
N ILE A 161 -13.35 13.49 9.02
CA ILE A 161 -14.09 13.93 7.85
C ILE A 161 -13.19 14.69 6.90
N GLU A 162 -12.12 15.32 7.43
CA GLU A 162 -11.12 15.94 6.56
C GLU A 162 -10.31 14.89 5.82
N VAL A 163 -10.09 13.71 6.43
CA VAL A 163 -9.48 12.61 5.72
C VAL A 163 -10.41 12.10 4.64
N ALA A 164 -11.70 11.94 4.98
CA ALA A 164 -12.68 11.51 4.00
C ALA A 164 -12.71 12.45 2.80
N ILE A 165 -12.80 13.76 3.07
CA ILE A 165 -12.76 14.76 2.02
C ILE A 165 -11.49 14.63 1.19
N ASP A 166 -10.34 14.46 1.87
CA ASP A 166 -9.07 14.46 1.17
C ASP A 166 -8.93 13.24 0.26
N GLU A 167 -9.26 12.05 0.79
CA GLU A 167 -9.10 10.84 0.00
C GLU A 167 -10.06 10.80 -1.18
N MET A 168 -11.33 11.18 -0.96
CA MET A 168 -12.32 11.16 -2.05
C MET A 168 -11.99 12.20 -3.13
N SER A 169 -11.47 13.36 -2.73
CA SER A 169 -11.15 14.39 -3.71
C SER A 169 -10.03 13.95 -4.62
N ARG A 170 -9.03 13.25 -4.08
CA ARG A 170 -7.91 12.83 -4.89
C ARG A 170 -8.32 11.67 -5.80
N LYS A 171 -9.19 10.78 -5.32
CA LYS A 171 -9.75 9.75 -6.18
C LYS A 171 -10.47 10.35 -7.38
N VAL A 172 -11.23 11.42 -7.16
CA VAL A 172 -11.89 12.09 -8.29
C VAL A 172 -10.87 12.55 -9.30
N SER A 173 -9.84 13.27 -8.84
CA SER A 173 -8.84 13.81 -9.74
C SER A 173 -8.09 12.69 -10.46
N GLU A 174 -7.85 11.58 -9.77
CA GLU A 174 -7.18 10.44 -10.37
C GLU A 174 -8.01 9.86 -11.51
N LEU A 175 -9.23 9.44 -11.19
CA LEU A 175 -10.13 8.90 -12.21
C LEU A 175 -10.38 9.90 -13.32
N ASN A 176 -10.55 11.19 -12.98
CA ASN A 176 -10.70 12.19 -14.03
C ASN A 176 -9.49 12.19 -14.95
N GLN A 177 -8.28 12.17 -14.36
CA GLN A 177 -7.05 12.21 -15.16
C GLN A 177 -6.98 11.03 -16.10
N LEU A 178 -7.24 9.82 -15.59
CA LEU A 178 -7.16 8.61 -16.41
C LEU A 178 -8.02 8.74 -17.66
N CYS A 179 -9.20 9.35 -17.53
CA CYS A 179 -10.16 9.40 -18.62
C CYS A 179 -9.80 10.38 -19.72
N THR A 180 -8.91 11.34 -19.46
CA THR A 180 -8.58 12.35 -20.44
C THR A 180 -7.14 12.28 -20.95
N THR A 181 -6.37 11.26 -20.55
CA THR A 181 -5.04 11.08 -21.11
C THR A 181 -5.17 10.60 -22.57
N GLU A 182 -4.24 11.06 -23.41
CA GLU A 182 -4.33 10.81 -24.85
C GLU A 182 -4.48 9.32 -25.14
N GLU A 183 -3.52 8.53 -24.69
CA GLU A 183 -3.57 7.08 -24.78
C GLU A 183 -3.74 6.54 -23.36
N VAL A 184 -4.84 5.86 -23.11
CA VAL A 184 -5.15 5.34 -21.78
C VAL A 184 -4.57 3.95 -21.63
N ASP A 185 -3.81 3.75 -20.56
CA ASP A 185 -3.36 2.42 -20.15
C ASP A 185 -4.55 1.67 -19.56
N MET A 186 -5.07 0.68 -20.30
CA MET A 186 -6.31 0.02 -19.89
C MET A 186 -6.14 -0.67 -18.54
N ILE A 187 -5.02 -1.37 -18.33
CA ILE A 187 -4.78 -2.08 -17.09
C ILE A 187 -4.74 -1.13 -15.89
N ARG A 188 -4.25 0.09 -16.09
CA ARG A 188 -4.26 1.04 -14.99
C ARG A 188 -5.67 1.56 -14.74
N LEU A 189 -6.41 1.84 -15.82
CA LEU A 189 -7.77 2.36 -15.67
C LEU A 189 -8.65 1.37 -14.91
N GLN A 190 -8.57 0.07 -15.26
CA GLN A 190 -9.46 -0.90 -14.62
C GLN A 190 -9.05 -1.13 -13.18
N LEU A 191 -7.73 -1.12 -12.89
CA LEU A 191 -7.25 -1.29 -11.52
C LEU A 191 -7.87 -0.26 -10.58
N LYS A 192 -7.90 1.02 -10.99
CA LYS A 192 -8.51 2.08 -10.18
C LYS A 192 -10.03 2.12 -10.31
N LEU A 193 -10.57 1.70 -11.46
CA LEU A 193 -12.02 1.63 -11.60
C LEU A 193 -12.60 0.54 -10.70
N GLN A 194 -12.03 -0.67 -10.78
CA GLN A 194 -12.53 -1.78 -9.97
C GLN A 194 -12.30 -1.55 -8.49
N GLY A 195 -11.23 -0.87 -8.13
CA GLY A 195 -10.97 -0.52 -6.75
C GLY A 195 -11.77 0.66 -6.25
N SER A 196 -12.54 1.30 -7.13
CA SER A 196 -13.50 2.33 -6.73
C SER A 196 -14.91 1.78 -6.64
N VAL A 197 -15.44 1.22 -7.74
CA VAL A 197 -16.84 0.82 -7.77
C VAL A 197 -17.06 -0.62 -7.32
N SER A 198 -16.01 -1.30 -6.87
CA SER A 198 -16.16 -2.73 -6.63
C SER A 198 -15.18 -3.17 -5.55
N VAL A 199 -15.10 -2.39 -4.46
CA VAL A 199 -14.25 -2.77 -3.34
C VAL A 199 -14.85 -3.97 -2.62
N LYS A 200 -14.00 -4.92 -2.24
CA LYS A 200 -14.41 -6.09 -1.45
C LYS A 200 -13.53 -6.39 -0.26
N VAL A 201 -12.28 -5.94 -0.24
CA VAL A 201 -11.42 -6.15 0.92
C VAL A 201 -11.58 -4.97 1.86
N ASN A 202 -11.29 -3.77 1.36
CA ASN A 202 -11.33 -2.58 2.19
C ASN A 202 -12.76 -2.09 2.32
N ALA A 203 -12.94 -1.01 3.09
CA ALA A 203 -14.26 -0.59 3.53
C ALA A 203 -15.14 -0.08 2.39
N GLY A 204 -14.56 0.44 1.31
CA GLY A 204 -15.31 1.01 0.21
C GLY A 204 -15.54 2.50 0.37
N PRO A 205 -15.63 3.21 -0.76
CA PRO A 205 -15.93 4.65 -0.68
C PRO A 205 -17.25 4.94 0.00
N MET A 206 -18.22 4.02 -0.11
CA MET A 206 -19.49 4.23 0.59
C MET A 206 -19.32 4.24 2.10
N ALA A 207 -18.23 3.68 2.63
CA ALA A 207 -17.97 3.76 4.06
C ALA A 207 -17.83 5.20 4.55
N TYR A 208 -17.27 6.09 3.72
CA TYR A 208 -17.26 7.52 4.08
C TYR A 208 -18.66 8.11 4.05
N ALA A 209 -19.43 7.74 3.03
CA ALA A 209 -20.79 8.26 2.91
C ALA A 209 -21.63 7.86 4.12
N ARG A 210 -21.48 6.63 4.60
CA ARG A 210 -22.29 6.16 5.71
C ARG A 210 -21.83 6.74 7.05
N ALA A 211 -20.55 7.10 7.16
CA ALA A 211 -20.05 7.60 8.42
C ALA A 211 -20.30 9.09 8.61
N PHE A 212 -20.52 9.82 7.52
CA PHE A 212 -20.52 11.27 7.61
C PHE A 212 -21.74 11.91 6.96
N LEU A 213 -22.33 11.24 5.97
CA LEU A 213 -23.42 11.84 5.22
C LEU A 213 -24.80 11.34 5.63
N GLU A 214 -24.89 10.30 6.43
CA GLU A 214 -26.20 9.77 6.82
C GLU A 214 -26.92 10.76 7.72
N GLU A 215 -28.23 10.85 7.56
CA GLU A 215 -28.99 11.70 8.45
C GLU A 215 -29.39 11.00 9.75
N THR A 216 -29.16 9.69 9.86
CA THR A 216 -29.45 8.98 11.10
C THR A 216 -28.21 8.84 11.98
N ASN A 217 -27.12 9.53 11.64
CA ASN A 217 -26.01 9.71 12.56
C ASN A 217 -26.19 11.01 13.35
N ALA A 218 -25.72 10.99 14.59
CA ALA A 218 -25.59 12.21 15.36
C ALA A 218 -24.69 13.20 14.62
N LYS A 219 -25.25 14.37 14.31
CA LYS A 219 -24.47 15.47 13.77
C LYS A 219 -23.19 15.69 14.57
N LYS A 220 -22.05 15.67 13.87
CA LYS A 220 -20.76 15.89 14.51
C LYS A 220 -19.85 16.83 13.74
N TYR A 221 -20.11 17.12 12.47
CA TYR A 221 -19.15 17.91 11.72
C TYR A 221 -19.80 19.18 11.16
N PRO A 222 -19.03 20.27 11.03
CA PRO A 222 -19.57 21.51 10.45
C PRO A 222 -20.39 21.29 9.20
N ASP A 223 -21.52 22.00 9.07
CA ASP A 223 -22.39 21.82 7.91
C ASP A 223 -21.64 22.12 6.61
N ASN A 224 -20.71 23.07 6.63
CA ASN A 224 -20.02 23.39 5.39
C ASN A 224 -19.15 22.23 4.93
N GLN A 225 -18.58 21.48 5.87
CA GLN A 225 -17.77 20.33 5.49
C GLN A 225 -18.64 19.17 5.01
N VAL A 226 -19.78 18.93 5.68
CA VAL A 226 -20.72 17.92 5.19
C VAL A 226 -21.21 18.31 3.80
N LYS A 227 -21.51 19.59 3.60
CA LYS A 227 -21.87 20.08 2.28
C LYS A 227 -20.82 19.68 1.25
N LEU A 228 -19.54 19.93 1.55
CA LEU A 228 -18.46 19.75 0.57
C LEU A 228 -18.20 18.28 0.28
N LEU A 229 -18.26 17.42 1.31
CA LEU A 229 -18.10 15.99 1.08
C LEU A 229 -19.21 15.45 0.17
N LYS A 230 -20.44 15.96 0.32
CA LYS A 230 -21.52 15.58 -0.57
C LYS A 230 -21.18 15.93 -2.01
N GLU A 231 -20.74 17.17 -2.24
CA GLU A 231 -20.42 17.58 -3.61
C GLU A 231 -19.33 16.71 -4.19
N ILE A 232 -18.31 16.39 -3.39
CA ILE A 232 -17.21 15.54 -3.86
C ILE A 232 -17.74 14.15 -4.23
N PHE A 233 -18.65 13.62 -3.43
CA PHE A 233 -19.25 12.32 -3.75
C PHE A 233 -20.06 12.39 -5.03
N ARG A 234 -20.71 13.53 -5.31
CA ARG A 234 -21.39 13.67 -6.59
C ARG A 234 -20.39 13.63 -7.74
N GLN A 235 -19.22 14.23 -7.53
CA GLN A 235 -18.20 14.21 -8.57
C GLN A 235 -17.60 12.82 -8.71
N PHE A 236 -17.45 12.10 -7.60
CA PHE A 236 -16.92 10.74 -7.63
C PHE A 236 -17.82 9.81 -8.44
N ALA A 237 -19.12 9.84 -8.16
CA ALA A 237 -20.09 9.07 -8.92
C ALA A 237 -20.02 9.43 -10.40
N ASP A 238 -19.79 10.70 -10.69
CA ASP A 238 -19.59 11.12 -12.06
C ASP A 238 -18.35 10.47 -12.66
N ALA A 239 -17.20 10.66 -12.01
CA ALA A 239 -15.92 10.16 -12.50
C ALA A 239 -15.88 8.65 -12.58
N CYS A 240 -16.71 7.94 -11.81
CA CYS A 240 -16.80 6.49 -11.98
C CYS A 240 -17.52 6.14 -13.28
N GLY A 241 -18.61 6.84 -13.58
CA GLY A 241 -19.36 6.56 -14.78
C GLY A 241 -18.58 6.87 -16.04
N GLN A 242 -17.70 7.87 -15.99
CA GLN A 242 -16.90 8.20 -17.17
C GLN A 242 -15.80 7.18 -17.38
N ALA A 243 -15.06 6.83 -16.32
CA ALA A 243 -14.06 5.78 -16.41
C ALA A 243 -14.69 4.46 -16.83
N LEU A 244 -15.90 4.18 -16.35
CA LEU A 244 -16.61 2.98 -16.76
C LEU A 244 -16.84 2.97 -18.27
N ASP A 245 -17.34 4.09 -18.81
CA ASP A 245 -17.62 4.17 -20.25
C ASP A 245 -16.32 4.12 -21.06
N VAL A 246 -15.26 4.79 -20.59
CA VAL A 246 -13.98 4.66 -21.29
C VAL A 246 -13.57 3.19 -21.34
N ASN A 247 -13.75 2.47 -20.23
CA ASN A 247 -13.38 1.05 -20.21
C ASN A 247 -14.26 0.23 -21.15
N GLU A 248 -15.48 0.70 -21.40
CA GLU A 248 -16.35 0.04 -22.37
C GLU A 248 -15.69 0.00 -23.74
N ARG A 249 -15.21 1.15 -24.22
CA ARG A 249 -14.61 1.23 -25.53
C ARG A 249 -13.36 0.37 -25.63
N LEU A 250 -12.60 0.25 -24.54
CA LEU A 250 -11.27 -0.37 -24.60
C LEU A 250 -11.32 -1.88 -24.51
N ILE A 251 -12.26 -2.44 -23.73
CA ILE A 251 -12.24 -3.86 -23.42
C ILE A 251 -12.43 -4.70 -24.68
N LYS A 252 -11.76 -5.85 -24.73
CA LYS A 252 -12.03 -6.84 -25.75
C LYS A 252 -13.09 -7.85 -25.24
N GLU A 253 -13.47 -8.79 -26.11
CA GLU A 253 -14.56 -9.72 -25.82
C GLU A 253 -14.29 -10.54 -24.56
N ASP A 254 -13.03 -10.71 -24.17
CA ASP A 254 -12.75 -11.47 -22.96
C ASP A 254 -13.19 -10.73 -21.69
N GLN A 255 -13.44 -9.42 -21.77
CA GLN A 255 -13.82 -8.65 -20.58
C GLN A 255 -15.19 -8.00 -20.73
N LEU A 256 -16.13 -8.68 -21.41
CA LEU A 256 -17.52 -8.25 -21.44
C LEU A 256 -18.23 -8.57 -20.12
N GLU A 257 -18.04 -9.79 -19.61
CA GLU A 257 -18.73 -10.18 -18.39
C GLU A 257 -18.17 -9.49 -17.15
N TYR A 258 -16.86 -9.21 -17.14
CA TYR A 258 -16.23 -8.43 -16.08
C TYR A 258 -16.67 -6.99 -16.10
N GLN A 259 -16.79 -6.41 -17.28
CA GLN A 259 -17.28 -5.04 -17.39
C GLN A 259 -18.72 -4.94 -16.92
N GLU A 260 -19.58 -5.85 -17.36
CA GLU A 260 -20.98 -5.79 -16.92
C GLU A 260 -21.08 -6.01 -15.42
N GLU A 261 -20.17 -6.80 -14.85
CA GLU A 261 -20.17 -6.93 -13.40
C GLU A 261 -19.72 -5.64 -12.72
N LEU A 262 -18.83 -4.87 -13.37
CA LEU A 262 -18.42 -3.59 -12.80
C LEU A 262 -19.53 -2.56 -12.91
N ARG A 263 -20.32 -2.63 -13.98
CA ARG A 263 -21.47 -1.74 -14.11
C ARG A 263 -22.57 -2.06 -13.10
N SER A 264 -22.73 -3.32 -12.73
CA SER A 264 -23.75 -3.65 -11.74
C SER A 264 -23.35 -3.20 -10.34
N HIS A 265 -22.06 -3.29 -10.00
CA HIS A 265 -21.57 -2.77 -8.73
C HIS A 265 -21.65 -1.25 -8.68
N TYR A 266 -21.29 -0.60 -9.78
CA TYR A 266 -21.47 0.85 -9.90
C TYR A 266 -22.93 1.24 -9.63
N LYS A 267 -23.87 0.54 -10.26
CA LYS A 267 -25.28 0.93 -10.13
C LYS A 267 -25.83 0.67 -8.73
N ASP A 268 -25.38 -0.39 -8.05
CA ASP A 268 -25.74 -0.56 -6.65
C ASP A 268 -25.18 0.58 -5.80
N MET A 269 -23.91 0.93 -6.04
CA MET A 269 -23.28 2.03 -5.29
C MET A 269 -24.08 3.31 -5.44
N LEU A 270 -24.44 3.67 -6.67
CA LEU A 270 -25.26 4.87 -6.91
C LEU A 270 -26.65 4.76 -6.28
N SER A 271 -27.20 3.56 -6.21
CA SER A 271 -28.48 3.42 -5.54
C SER A 271 -28.32 3.72 -4.04
N GLU A 272 -27.34 3.07 -3.41
CA GLU A 272 -27.10 3.30 -1.98
C GLU A 272 -26.77 4.76 -1.69
N LEU A 273 -25.94 5.38 -2.53
CA LEU A 273 -25.64 6.80 -2.34
C LEU A 273 -26.91 7.65 -2.46
N SER A 274 -27.79 7.28 -3.40
CA SER A 274 -29.02 8.03 -3.61
C SER A 274 -29.88 8.04 -2.37
N ALA A 275 -29.92 6.92 -1.64
CA ALA A 275 -30.79 6.83 -0.48
C ALA A 275 -30.23 7.64 0.68
N ILE A 276 -28.90 7.67 0.83
CA ILE A 276 -28.25 8.40 1.92
C ILE A 276 -28.34 9.90 1.71
N MET A 277 -28.17 10.35 0.46
CA MET A 277 -28.18 11.77 0.13
C MET A 277 -29.56 12.30 -0.25
N ASN A 278 -30.60 11.45 -0.26
CA ASN A 278 -31.93 11.84 -0.71
C ASN A 278 -31.91 12.63 -2.01
N GLU A 279 -30.90 12.35 -2.85
CA GLU A 279 -30.87 12.82 -4.23
C GLU A 279 -30.82 11.58 -5.11
N GLN A 280 -31.48 11.65 -6.27
CA GLN A 280 -31.29 10.61 -7.26
C GLN A 280 -29.95 10.86 -7.96
N ILE A 281 -29.00 9.97 -7.73
CA ILE A 281 -27.64 10.13 -8.24
C ILE A 281 -27.49 9.30 -9.50
N THR A 282 -27.12 9.96 -10.60
CA THR A 282 -27.05 9.41 -11.98
C THR A 282 -28.10 8.35 -12.31
N MET B 8 5.87 3.27 -20.51
CA MET B 8 5.96 2.42 -19.33
C MET B 8 5.04 1.20 -19.48
N GLN B 9 5.62 -0.01 -19.43
CA GLN B 9 4.84 -1.23 -19.60
C GLN B 9 4.11 -1.57 -18.31
N ALA B 10 2.78 -1.64 -18.38
CA ALA B 10 1.95 -2.04 -17.26
C ALA B 10 1.84 -3.56 -17.21
N ILE B 11 1.86 -4.11 -16.00
CA ILE B 11 1.77 -5.56 -15.80
C ILE B 11 0.63 -5.83 -14.84
N LYS B 12 -0.28 -6.73 -15.23
CA LYS B 12 -1.37 -7.13 -14.35
C LYS B 12 -0.96 -8.37 -13.57
N CYS B 13 -0.90 -8.21 -12.26
CA CYS B 13 -0.57 -9.27 -11.33
C CYS B 13 -1.75 -9.42 -10.38
N VAL B 14 -2.23 -10.64 -10.22
CA VAL B 14 -3.43 -10.89 -9.42
C VAL B 14 -3.03 -11.74 -8.23
N VAL B 15 -3.39 -11.28 -7.04
CA VAL B 15 -2.98 -11.89 -5.77
C VAL B 15 -4.15 -12.65 -5.19
N VAL B 16 -3.94 -13.91 -4.85
CA VAL B 16 -5.03 -14.76 -4.39
C VAL B 16 -4.56 -15.52 -3.16
N GLY B 17 -5.51 -15.93 -2.36
CA GLY B 17 -5.25 -16.66 -1.13
C GLY B 17 -6.36 -16.45 -0.13
N ASP B 18 -6.41 -17.35 0.86
CA ASP B 18 -7.34 -17.25 1.97
C ASP B 18 -7.29 -15.87 2.64
N GLY B 19 -8.41 -15.48 3.24
CA GLY B 19 -8.41 -14.29 4.07
C GLY B 19 -7.47 -14.44 5.25
N ALA B 20 -6.96 -13.30 5.73
CA ALA B 20 -6.14 -13.23 6.94
C ALA B 20 -4.80 -13.93 6.79
N VAL B 21 -4.25 -14.02 5.58
CA VAL B 21 -2.86 -14.44 5.43
C VAL B 21 -1.91 -13.27 5.30
N GLY B 22 -2.41 -12.05 5.11
CA GLY B 22 -1.61 -10.85 5.15
C GLY B 22 -1.53 -10.09 3.85
N LYS B 23 -2.37 -10.40 2.88
CA LYS B 23 -2.12 -9.97 1.51
C LYS B 23 -2.23 -8.45 1.38
N THR B 24 -3.35 -7.88 1.81
CA THR B 24 -3.52 -6.43 1.78
C THR B 24 -2.38 -5.73 2.50
N CYS B 25 -2.00 -6.21 3.68
CA CYS B 25 -0.87 -5.64 4.41
C CYS B 25 0.40 -5.63 3.56
N LEU B 26 0.76 -6.77 2.98
CA LEU B 26 1.92 -6.87 2.10
C LEU B 26 1.88 -5.83 1.00
N LEU B 27 0.73 -5.73 0.32
CA LEU B 27 0.61 -4.90 -0.88
C LEU B 27 0.61 -3.42 -0.51
N ILE B 28 -0.12 -3.05 0.54
CA ILE B 28 -0.09 -1.68 1.04
C ILE B 28 1.32 -1.31 1.48
N SER B 29 1.93 -2.16 2.31
CA SER B 29 3.27 -1.87 2.82
C SER B 29 4.25 -1.69 1.67
N TYR B 30 4.26 -2.63 0.74
CA TYR B 30 5.15 -2.56 -0.41
C TYR B 30 4.90 -1.32 -1.26
N THR B 31 3.66 -1.12 -1.70
CA THR B 31 3.42 -0.08 -2.71
C THR B 31 3.50 1.33 -2.14
N THR B 32 3.27 1.52 -0.84
CA THR B 32 3.41 2.84 -0.25
C THR B 32 4.77 3.06 0.39
N ASN B 33 5.62 2.04 0.43
CA ASN B 33 7.00 2.20 0.91
C ASN B 33 7.05 2.54 2.41
N ALA B 34 6.10 1.99 3.17
CA ALA B 34 5.96 2.24 4.59
C ALA B 34 6.02 0.92 5.36
N PHE B 35 6.43 1.01 6.62
CA PHE B 35 6.34 -0.16 7.49
C PHE B 35 4.86 -0.44 7.80
N PRO B 36 4.50 -1.71 7.95
CA PRO B 36 3.06 -2.04 8.11
C PRO B 36 2.39 -1.28 9.24
N GLY B 37 3.12 -0.95 10.30
CA GLY B 37 2.50 -0.23 11.40
C GLY B 37 2.10 1.20 11.06
N GLU B 38 2.75 1.79 10.05
CA GLU B 38 2.51 3.18 9.70
C GLU B 38 1.64 3.35 8.46
N TYR B 39 1.08 2.26 7.92
CA TYR B 39 0.33 2.39 6.69
C TYR B 39 -0.84 3.33 6.92
N ILE B 40 -1.11 4.17 5.92
CA ILE B 40 -2.28 5.01 5.87
C ILE B 40 -3.44 4.15 5.38
N PRO B 41 -4.50 3.96 6.15
CA PRO B 41 -5.65 3.17 5.66
C PRO B 41 -6.24 3.79 4.40
N THR B 42 -6.80 2.92 3.55
CA THR B 42 -7.51 3.34 2.35
C THR B 42 -8.81 2.57 2.24
N VAL B 43 -9.86 3.25 1.76
CA VAL B 43 -11.13 2.57 1.52
C VAL B 43 -11.16 1.85 0.17
N PHE B 44 -10.15 2.08 -0.67
CA PHE B 44 -10.07 1.57 -2.02
C PHE B 44 -9.30 0.26 -2.05
N ASP B 45 -9.47 -0.49 -3.14
CA ASP B 45 -8.81 -1.77 -3.34
C ASP B 45 -7.82 -1.64 -4.48
N ASN B 46 -6.84 -2.57 -4.48
CA ASN B 46 -5.79 -2.67 -5.50
C ASN B 46 -4.75 -1.57 -5.38
N TYR B 47 -3.57 -1.82 -5.93
CA TYR B 47 -2.40 -0.99 -5.69
C TYR B 47 -1.52 -1.03 -6.92
N SER B 48 -0.69 0.02 -7.06
CA SER B 48 0.29 0.09 -8.13
C SER B 48 1.62 0.55 -7.54
N ALA B 49 2.69 0.31 -8.30
CA ALA B 49 4.04 0.66 -7.90
C ALA B 49 4.94 0.61 -9.13
N ASN B 50 5.97 1.45 -9.11
CA ASN B 50 6.96 1.53 -10.17
C ASN B 50 8.22 0.86 -9.65
N VAL B 51 8.61 -0.25 -10.27
CA VAL B 51 9.71 -1.07 -9.78
C VAL B 51 10.84 -0.99 -10.79
N MET B 52 12.05 -0.79 -10.27
CA MET B 52 13.28 -0.84 -11.07
C MET B 52 13.74 -2.29 -11.10
N VAL B 53 13.60 -2.94 -12.24
CA VAL B 53 13.91 -4.35 -12.37
C VAL B 53 15.00 -4.52 -13.40
N ASP B 54 16.14 -5.04 -12.96
CA ASP B 54 17.30 -5.27 -13.82
C ASP B 54 17.72 -3.99 -14.54
N GLY B 55 17.50 -2.85 -13.90
CA GLY B 55 17.89 -1.55 -14.42
C GLY B 55 16.77 -0.73 -15.01
N LYS B 56 15.58 -1.30 -15.24
CA LYS B 56 14.51 -0.65 -15.98
C LYS B 56 13.28 -0.43 -15.11
N PRO B 57 12.63 0.75 -15.20
CA PRO B 57 11.39 0.97 -14.44
C PRO B 57 10.14 0.43 -15.13
N VAL B 58 9.33 -0.31 -14.39
CA VAL B 58 8.11 -0.91 -14.92
C VAL B 58 6.95 -0.65 -13.96
N ASN B 59 5.75 -0.53 -14.53
CA ASN B 59 4.54 -0.34 -13.73
C ASN B 59 3.92 -1.70 -13.39
N LEU B 60 3.61 -1.89 -12.12
CA LEU B 60 3.10 -3.14 -11.58
C LEU B 60 1.74 -2.88 -10.95
N GLY B 61 0.67 -3.27 -11.65
CA GLY B 61 -0.65 -3.18 -11.10
C GLY B 61 -0.97 -4.44 -10.32
N LEU B 62 -1.34 -4.28 -9.05
CA LEU B 62 -1.55 -5.41 -8.14
C LEU B 62 -3.02 -5.49 -7.78
N TRP B 63 -3.66 -6.60 -8.14
CA TRP B 63 -5.06 -6.84 -7.82
C TRP B 63 -5.14 -7.55 -6.48
N ASP B 64 -5.90 -6.98 -5.55
CA ASP B 64 -6.06 -7.55 -4.21
C ASP B 64 -7.47 -8.14 -4.14
N THR B 65 -7.56 -9.46 -4.21
CA THR B 65 -8.83 -10.17 -4.31
C THR B 65 -9.23 -10.75 -2.95
N ALA B 66 -10.54 -10.85 -2.74
CA ALA B 66 -11.11 -11.43 -1.53
C ALA B 66 -11.15 -12.94 -1.67
N GLY B 67 -10.52 -13.65 -0.73
CA GLY B 67 -10.40 -15.09 -0.80
C GLY B 67 -11.51 -15.93 -0.19
N GLN B 68 -12.53 -15.32 0.43
CA GLN B 68 -13.52 -16.11 1.15
C GLN B 68 -14.49 -16.80 0.18
N GLU B 69 -15.19 -17.82 0.70
CA GLU B 69 -16.05 -18.64 -0.16
C GLU B 69 -17.20 -17.85 -0.78
N ASP B 70 -17.73 -16.85 -0.07
CA ASP B 70 -18.82 -16.04 -0.61
C ASP B 70 -18.39 -15.22 -1.83
N TYR B 71 -17.11 -15.22 -2.19
CA TYR B 71 -16.63 -14.44 -3.33
C TYR B 71 -16.15 -15.32 -4.48
N ASP B 72 -16.32 -16.64 -4.37
CA ASP B 72 -15.76 -17.57 -5.36
C ASP B 72 -16.27 -17.31 -6.77
N ARG B 73 -17.58 -17.06 -6.93
CA ARG B 73 -18.16 -17.04 -8.28
C ARG B 73 -17.80 -15.80 -9.07
N LEU B 74 -17.49 -14.70 -8.41
CA LEU B 74 -17.23 -13.45 -9.10
C LEU B 74 -15.75 -13.14 -9.23
N ARG B 75 -14.94 -13.60 -8.29
CA ARG B 75 -13.51 -13.31 -8.30
C ARG B 75 -12.85 -13.65 -9.62
N PRO B 76 -13.13 -14.77 -10.29
CA PRO B 76 -12.42 -15.05 -11.55
C PRO B 76 -12.66 -13.99 -12.62
N LEU B 77 -13.71 -13.19 -12.52
CA LEU B 77 -13.89 -12.12 -13.50
C LEU B 77 -12.72 -11.18 -13.50
N SER B 78 -11.91 -11.20 -12.43
CA SER B 78 -10.67 -10.44 -12.35
C SER B 78 -9.51 -11.08 -13.14
N TYR B 79 -9.62 -12.36 -13.49
CA TYR B 79 -8.50 -13.10 -14.10
C TYR B 79 -8.20 -12.73 -15.56
N PRO B 80 -9.17 -12.36 -16.41
CA PRO B 80 -8.80 -11.95 -17.77
C PRO B 80 -7.74 -10.84 -17.76
N GLN B 81 -6.76 -11.00 -18.65
CA GLN B 81 -5.63 -10.08 -18.91
C GLN B 81 -4.53 -10.15 -17.87
N THR B 82 -4.55 -11.14 -16.98
CA THR B 82 -3.47 -11.28 -15.99
C THR B 82 -2.19 -11.78 -16.64
N ASP B 83 -1.05 -11.24 -16.20
CA ASP B 83 0.27 -11.69 -16.63
C ASP B 83 0.91 -12.69 -15.67
N VAL B 84 0.68 -12.54 -14.37
CA VAL B 84 1.32 -13.36 -13.34
C VAL B 84 0.41 -13.40 -12.12
N PHE B 85 0.29 -14.57 -11.51
CA PHE B 85 -0.47 -14.73 -10.28
C PHE B 85 0.49 -14.89 -9.10
N LEU B 86 0.10 -14.33 -7.96
CA LEU B 86 0.67 -14.69 -6.66
C LEU B 86 -0.39 -15.49 -5.92
N ILE B 87 -0.04 -16.70 -5.52
CA ILE B 87 -0.89 -17.50 -4.65
C ILE B 87 -0.28 -17.42 -3.26
N CYS B 88 -0.96 -16.73 -2.37
CA CYS B 88 -0.41 -16.46 -1.05
C CYS B 88 -0.99 -17.43 -0.02
N PHE B 89 -0.11 -17.93 0.85
CA PHE B 89 -0.53 -18.55 2.09
C PHE B 89 0.33 -17.99 3.20
N SER B 90 -0.05 -18.28 4.44
CA SER B 90 0.71 -17.83 5.60
C SER B 90 1.52 -18.99 6.14
N LEU B 91 2.77 -18.70 6.51
CA LEU B 91 3.68 -19.76 6.95
C LEU B 91 3.32 -20.28 8.33
N VAL B 92 2.54 -19.55 9.11
CA VAL B 92 2.10 -20.01 10.42
C VAL B 92 0.62 -20.40 10.42
N SER B 93 0.05 -20.58 9.23
CA SER B 93 -1.33 -21.05 9.07
C SER B 93 -1.33 -22.27 8.16
N PRO B 94 -1.18 -23.47 8.73
CA PRO B 94 -1.22 -24.70 7.91
C PRO B 94 -2.45 -24.83 7.03
N ALA B 95 -3.58 -24.24 7.44
CA ALA B 95 -4.83 -24.40 6.72
C ALA B 95 -4.83 -23.59 5.42
N SER B 96 -4.22 -22.40 5.43
CA SER B 96 -4.06 -21.63 4.21
C SER B 96 -3.09 -22.30 3.25
N PHE B 97 -2.12 -23.05 3.80
CA PHE B 97 -1.16 -23.76 2.96
C PHE B 97 -1.82 -24.93 2.22
N GLU B 98 -2.77 -25.61 2.87
CA GLU B 98 -3.48 -26.70 2.22
C GLU B 98 -4.44 -26.18 1.14
N ASN B 99 -5.01 -24.98 1.34
CA ASN B 99 -5.90 -24.39 0.34
C ASN B 99 -5.16 -23.93 -0.91
N VAL B 100 -3.83 -23.89 -0.88
CA VAL B 100 -3.08 -23.68 -2.11
C VAL B 100 -3.37 -24.79 -3.10
N ARG B 101 -3.44 -26.03 -2.60
CA ARG B 101 -3.68 -27.21 -3.40
C ARG B 101 -5.17 -27.54 -3.51
N ALA B 102 -5.94 -27.33 -2.43
CA ALA B 102 -7.35 -27.70 -2.46
C ALA B 102 -8.20 -26.71 -3.25
N LYS B 103 -7.75 -25.46 -3.40
CA LYS B 103 -8.61 -24.41 -3.95
C LYS B 103 -7.90 -23.50 -4.95
N TRP B 104 -6.78 -22.87 -4.55
CA TRP B 104 -6.24 -21.77 -5.34
C TRP B 104 -5.55 -22.24 -6.60
N TYR B 105 -4.65 -23.23 -6.49
CA TYR B 105 -4.06 -23.81 -7.70
C TYR B 105 -5.10 -24.29 -8.71
N PRO B 106 -6.10 -25.10 -8.34
CA PRO B 106 -7.13 -25.47 -9.34
C PRO B 106 -7.91 -24.30 -9.88
N GLU B 107 -8.24 -23.30 -9.06
CA GLU B 107 -9.01 -22.16 -9.56
C GLU B 107 -8.23 -21.40 -10.62
N VAL B 108 -6.94 -21.15 -10.38
CA VAL B 108 -6.16 -20.36 -11.33
C VAL B 108 -6.05 -21.07 -12.67
N ARG B 109 -5.75 -22.38 -12.64
CA ARG B 109 -5.55 -23.11 -13.90
C ARG B 109 -6.88 -23.39 -14.60
N HIS B 110 -7.96 -23.64 -13.84
CA HIS B 110 -9.30 -23.79 -14.40
C HIS B 110 -9.74 -22.55 -15.17
N HIS B 111 -8.91 -21.52 -15.22
CA HIS B 111 -9.29 -20.25 -15.82
C HIS B 111 -8.14 -19.74 -16.67
N CYS B 112 -6.93 -20.01 -16.20
CA CYS B 112 -5.71 -19.46 -16.80
C CYS B 112 -4.70 -20.60 -16.87
N PRO B 113 -4.71 -21.36 -17.97
CA PRO B 113 -3.87 -22.58 -18.01
C PRO B 113 -2.39 -22.31 -18.10
N ASN B 114 -1.96 -21.18 -18.67
CA ASN B 114 -0.53 -20.98 -18.94
C ASN B 114 0.06 -19.73 -18.29
N THR B 115 -0.64 -19.11 -17.35
CA THR B 115 -0.12 -17.91 -16.72
C THR B 115 0.86 -18.29 -15.61
N PRO B 116 2.03 -17.66 -15.55
CA PRO B 116 2.99 -18.02 -14.50
C PRO B 116 2.44 -17.74 -13.11
N ILE B 117 2.63 -18.73 -12.23
CA ILE B 117 2.25 -18.67 -10.82
C ILE B 117 3.50 -18.47 -9.97
N ILE B 118 3.42 -17.57 -9.00
CA ILE B 118 4.43 -17.44 -7.95
C ILE B 118 3.78 -17.75 -6.60
N LEU B 119 4.36 -18.72 -5.89
CA LEU B 119 3.85 -19.15 -4.60
C LEU B 119 4.58 -18.37 -3.51
N VAL B 120 3.82 -17.65 -2.69
CA VAL B 120 4.37 -16.75 -1.68
C VAL B 120 4.00 -17.26 -0.31
N GLY B 121 5.01 -17.49 0.53
CA GLY B 121 4.76 -17.76 1.93
C GLY B 121 4.89 -16.45 2.69
N THR B 122 3.83 -16.03 3.37
CA THR B 122 3.82 -14.78 4.10
C THR B 122 4.04 -14.99 5.59
N LYS B 123 4.40 -13.89 6.27
CA LYS B 123 4.56 -13.86 7.72
C LYS B 123 5.76 -14.68 8.19
N LEU B 124 6.84 -14.64 7.41
CA LEU B 124 8.09 -15.32 7.75
C LEU B 124 8.50 -15.08 9.20
N ASP B 125 8.33 -13.84 9.69
CA ASP B 125 8.80 -13.44 11.02
C ASP B 125 8.16 -14.24 12.14
N LEU B 126 6.96 -14.76 11.92
CA LEU B 126 6.22 -15.46 12.96
C LEU B 126 6.48 -16.96 12.98
N ARG B 127 7.17 -17.50 11.99
CA ARG B 127 7.50 -18.93 12.02
C ARG B 127 8.41 -19.26 13.19
N ASP B 128 9.31 -18.33 13.51
CA ASP B 128 10.23 -18.41 14.63
C ASP B 128 9.68 -17.77 15.89
N ASP B 129 8.46 -17.21 15.84
CA ASP B 129 7.87 -16.53 16.99
C ASP B 129 7.41 -17.56 18.01
N LYS B 130 7.83 -17.36 19.26
CA LYS B 130 7.55 -18.33 20.32
C LYS B 130 6.05 -18.39 20.64
N ASP B 131 5.41 -17.22 20.75
CA ASP B 131 3.98 -17.18 21.01
C ASP B 131 3.21 -17.82 19.87
N THR B 132 3.56 -17.48 18.62
CA THR B 132 2.90 -18.10 17.47
C THR B 132 3.08 -19.61 17.49
N ILE B 133 4.32 -20.06 17.74
CA ILE B 133 4.57 -21.49 17.86
C ILE B 133 3.68 -22.08 18.94
N GLU B 134 3.68 -21.44 20.12
CA GLU B 134 2.95 -21.99 21.25
C GLU B 134 1.44 -21.95 21.03
N LYS B 135 0.93 -20.93 20.34
CA LYS B 135 -0.49 -20.91 20.01
C LYS B 135 -0.81 -21.96 18.95
N LEU B 136 0.05 -22.11 17.94
CA LEU B 136 -0.17 -23.14 16.94
C LEU B 136 -0.08 -24.54 17.55
N LYS B 137 0.92 -24.76 18.42
CA LYS B 137 1.05 -26.04 19.11
C LYS B 137 -0.22 -26.40 19.89
N GLU B 138 -0.94 -25.39 20.37
CA GLU B 138 -2.17 -25.62 21.12
C GLU B 138 -3.25 -26.30 20.28
N LYS B 139 -3.26 -26.03 18.98
CA LYS B 139 -4.19 -26.68 18.05
C LYS B 139 -3.57 -27.89 17.36
N LYS B 140 -2.41 -28.36 17.84
CA LYS B 140 -1.71 -29.52 17.28
C LYS B 140 -1.24 -29.26 15.84
N LEU B 141 -0.82 -28.02 15.59
CA LEU B 141 -0.28 -27.62 14.31
C LEU B 141 1.10 -27.00 14.54
N THR B 142 1.78 -26.67 13.44
CA THR B 142 3.16 -26.21 13.49
C THR B 142 3.44 -25.41 12.22
N PRO B 143 4.31 -24.40 12.29
CA PRO B 143 4.56 -23.56 11.10
C PRO B 143 4.98 -24.35 9.87
N ILE B 144 4.82 -23.75 8.68
CA ILE B 144 5.21 -24.41 7.45
C ILE B 144 6.69 -24.14 7.20
N THR B 145 7.46 -25.22 7.05
CA THR B 145 8.90 -25.07 6.85
C THR B 145 9.19 -24.61 5.43
N TYR B 146 10.44 -24.22 5.19
CA TYR B 146 10.82 -23.90 3.83
C TYR B 146 10.80 -25.14 2.95
N PRO B 147 11.24 -26.31 3.42
CA PRO B 147 11.13 -27.51 2.55
C PRO B 147 9.71 -27.82 2.10
N GLN B 148 8.72 -27.66 2.99
CA GLN B 148 7.34 -27.99 2.63
C GLN B 148 6.77 -26.98 1.64
N GLY B 149 7.12 -25.70 1.81
CA GLY B 149 6.70 -24.71 0.83
C GLY B 149 7.31 -24.97 -0.54
N LEU B 150 8.58 -25.37 -0.56
CA LEU B 150 9.22 -25.73 -1.82
C LEU B 150 8.54 -26.94 -2.44
N ALA B 151 8.26 -27.95 -1.62
CA ALA B 151 7.56 -29.14 -2.11
C ALA B 151 6.21 -28.77 -2.71
N MET B 152 5.49 -27.83 -2.08
CA MET B 152 4.22 -27.36 -2.64
C MET B 152 4.45 -26.61 -3.93
N ALA B 153 5.43 -25.71 -3.93
CA ALA B 153 5.84 -25.03 -5.16
C ALA B 153 6.09 -26.02 -6.29
N LYS B 154 6.63 -27.20 -5.98
CA LYS B 154 6.90 -28.17 -7.04
C LYS B 154 5.62 -28.86 -7.49
N GLU B 155 4.77 -29.26 -6.54
CA GLU B 155 3.56 -29.98 -6.90
C GLU B 155 2.63 -29.14 -7.76
N ILE B 156 2.58 -27.83 -7.51
CA ILE B 156 1.66 -26.97 -8.25
C ILE B 156 2.30 -26.26 -9.43
N GLY B 157 3.59 -26.51 -9.68
CA GLY B 157 4.21 -25.97 -10.88
C GLY B 157 4.41 -24.46 -10.88
N ALA B 158 4.58 -23.86 -9.71
CA ALA B 158 4.92 -22.43 -9.66
C ALA B 158 6.33 -22.22 -10.21
N VAL B 159 6.53 -21.07 -10.85
CA VAL B 159 7.86 -20.75 -11.36
C VAL B 159 8.80 -20.27 -10.26
N LYS B 160 8.27 -19.81 -9.11
CA LYS B 160 9.09 -19.37 -7.97
C LYS B 160 8.40 -19.74 -6.66
N TYR B 161 9.21 -20.01 -5.64
CA TYR B 161 8.73 -20.13 -4.27
C TYR B 161 9.37 -19.03 -3.44
N LEU B 162 8.54 -18.24 -2.75
CA LEU B 162 9.03 -17.04 -2.08
C LEU B 162 8.40 -16.89 -0.70
N GLU B 163 9.24 -16.55 0.26
CA GLU B 163 8.91 -16.30 1.66
C GLU B 163 9.20 -14.85 1.99
N CYS B 164 8.32 -14.22 2.76
CA CYS B 164 8.51 -12.81 3.06
C CYS B 164 7.78 -12.44 4.34
N SER B 165 8.04 -11.20 4.79
CA SER B 165 7.49 -10.67 6.03
C SER B 165 7.34 -9.16 5.84
N ALA B 166 6.07 -8.68 5.84
CA ALA B 166 5.85 -7.25 5.76
C ALA B 166 6.48 -6.51 6.92
N LEU B 167 6.50 -7.12 8.10
CA LEU B 167 7.00 -6.43 9.29
C LEU B 167 8.50 -6.17 9.19
N THR B 168 9.29 -7.21 8.89
CA THR B 168 10.74 -7.05 8.79
C THR B 168 11.20 -6.57 7.43
N GLN B 169 10.31 -6.60 6.42
CA GLN B 169 10.61 -6.29 5.03
C GLN B 169 11.46 -7.35 4.32
N ARG B 170 11.92 -8.38 5.03
CA ARG B 170 12.73 -9.44 4.42
C ARG B 170 11.96 -10.10 3.27
N GLY B 171 12.64 -10.29 2.15
CA GLY B 171 12.06 -10.97 1.00
C GLY B 171 10.92 -10.24 0.34
N LEU B 172 10.66 -9.00 0.73
CA LEU B 172 9.52 -8.26 0.20
C LEU B 172 9.82 -7.68 -1.17
N LYS B 173 10.98 -7.02 -1.30
CA LYS B 173 11.43 -6.53 -2.60
C LYS B 173 11.47 -7.63 -3.64
N THR B 174 11.77 -8.86 -3.21
CA THR B 174 12.06 -9.94 -4.13
C THR B 174 10.79 -10.47 -4.78
N VAL B 175 9.72 -10.60 -3.99
CA VAL B 175 8.43 -11.10 -4.49
C VAL B 175 8.00 -10.32 -5.73
N PHE B 176 8.07 -9.00 -5.65
CA PHE B 176 7.56 -8.16 -6.74
C PHE B 176 8.58 -7.98 -7.86
N ASP B 177 9.87 -8.12 -7.56
CA ASP B 177 10.87 -8.26 -8.62
C ASP B 177 10.60 -9.53 -9.43
N GLU B 178 10.31 -10.64 -8.77
CA GLU B 178 10.08 -11.89 -9.47
C GLU B 178 8.74 -11.87 -10.21
N ALA B 179 7.69 -11.32 -9.58
CA ALA B 179 6.43 -11.11 -10.29
C ALA B 179 6.65 -10.46 -11.64
N ILE B 180 7.54 -9.47 -11.70
CA ILE B 180 7.83 -8.79 -12.96
C ILE B 180 8.74 -9.66 -13.84
N ARG B 181 9.70 -10.37 -13.24
CA ARG B 181 10.61 -11.18 -14.05
C ARG B 181 9.93 -12.41 -14.63
N ALA B 182 8.81 -12.84 -14.06
CA ALA B 182 8.13 -13.99 -14.62
C ALA B 182 7.36 -13.63 -15.88
N VAL B 183 7.16 -12.33 -16.10
CA VAL B 183 6.41 -11.81 -17.23
C VAL B 183 7.36 -11.36 -18.34
N LEU B 184 8.37 -10.57 -17.99
CA LEU B 184 9.26 -9.92 -18.96
C LEU B 184 10.15 -10.90 -19.73
S SO4 C . -5.51 -10.62 4.12
O1 SO4 C . -4.84 -10.45 5.40
O2 SO4 C . -5.59 -9.33 3.43
O3 SO4 C . -4.80 -11.59 3.30
O4 SO4 C . -6.83 -11.18 4.37
#